data_6YCT
#
_entry.id   6YCT
#
_cell.length_a   104.070
_cell.length_b   104.070
_cell.length_c   115.082
_cell.angle_alpha   90.000
_cell.angle_beta   90.000
_cell.angle_gamma   90.000
#
_symmetry.space_group_name_H-M   'P 43 21 2'
#
loop_
_entity.id
_entity.type
_entity.pdbx_description
1 polymer 'Cytochrome P450'
2 non-polymer '4-(2-HYDROXYETHYL)-1-PIPERAZINE ETHANESULFONIC ACID'
3 non-polymer 4-hydroxy-3-methoxybenzaldehyde
4 non-polymer 'HEME C'
5 water water
#
_entity_poly.entity_id   1
_entity_poly.type   'polypeptide(L)'
_entity_poly.pdbx_seq_one_letter_code
;GPMTTTERPDLAWLDEVTMTQLERNPYEVYERLRAEAPLAFVPVLGSYVASTAEVCREVATSPDFEAVITPAGGRTFGHP
AIIGVNGDIHADLRSMVEPALQPAEVDRWIDDLVRPIARRYLERFENDGHAELVAQYCEPVSVRSLGDLLGLQEVDSDKL
REWFAKLNRSATNAAVDENGEFANPEGFAEGDQAKAEIRAVVDPLIDKWIEHPDDSAISHWLHDGMPPGQTRDREYIYPT
IYVYLLGAMQEPGHGMASTLVGLFSRPEQLEEVVDDPTLIPRAIAEGLRWTSPIWSASARISTKPVTIAGVDLPAGTPVM
LSYGSANHDTGKYEAPSQYDLHRPPLPHLAFGAGNHACAGIYFANHVMRIALEELFEAIPNLERDTREGVEFWGWGFRGP
TSLHVTWEV
;
_entity_poly.pdbx_strand_id   A
#
loop_
_chem_comp.id
_chem_comp.type
_chem_comp.name
_chem_comp.formula
EPE non-polymer '4-(2-HYDROXYETHYL)-1-PIPERAZINE ETHANESULFONIC ACID' 'C8 H18 N2 O4 S'
HEC non-polymer 'HEME C' 'C34 H34 Fe N4 O4'
V55 non-polymer 4-hydroxy-3-methoxybenzaldehyde 'C8 H8 O3'
#
# COMPACT_ATOMS: atom_id res chain seq x y z
N GLU A 7 20.63 -18.69 -12.97
CA GLU A 7 21.74 -17.84 -13.36
C GLU A 7 22.87 -17.82 -12.31
N ARG A 8 22.56 -17.43 -11.07
CA ARG A 8 23.56 -17.45 -10.01
C ARG A 8 23.59 -18.85 -9.39
N PRO A 9 24.72 -19.57 -9.45
CA PRO A 9 24.66 -21.02 -9.15
C PRO A 9 24.26 -21.35 -7.73
N ASP A 10 24.81 -20.66 -6.71
CA ASP A 10 24.43 -21.01 -5.36
C ASP A 10 23.00 -20.62 -5.02
N LEU A 11 22.32 -19.86 -5.88
CA LEU A 11 20.92 -19.53 -5.66
C LEU A 11 19.99 -20.41 -6.47
N ALA A 12 20.49 -21.55 -6.95
CA ALA A 12 19.65 -22.43 -7.77
C ALA A 12 18.35 -22.81 -7.05
N TRP A 13 18.31 -22.78 -5.72
CA TRP A 13 17.04 -23.06 -5.04
C TRP A 13 15.97 -22.03 -5.37
N LEU A 14 16.36 -20.80 -5.76
CA LEU A 14 15.38 -19.79 -6.14
C LEU A 14 14.51 -20.25 -7.29
N ASP A 15 15.06 -21.09 -8.18
CA ASP A 15 14.28 -21.63 -9.30
C ASP A 15 13.06 -22.41 -8.83
N GLU A 16 13.05 -22.90 -7.59
CA GLU A 16 11.92 -23.67 -7.10
C GLU A 16 10.96 -22.84 -6.26
N VAL A 17 11.23 -21.54 -6.12
CA VAL A 17 10.31 -20.67 -5.40
C VAL A 17 9.11 -20.38 -6.30
N THR A 18 7.91 -20.47 -5.73
CA THR A 18 6.70 -20.26 -6.50
C THR A 18 6.03 -18.95 -6.11
N MET A 19 5.12 -18.49 -6.99
CA MET A 19 4.36 -17.28 -6.70
C MET A 19 3.45 -17.50 -5.50
N THR A 20 2.76 -18.64 -5.48
CA THR A 20 1.87 -18.98 -4.38
C THR A 20 2.59 -18.95 -3.04
N GLN A 21 3.79 -19.53 -2.99
CA GLN A 21 4.57 -19.50 -1.76
C GLN A 21 4.89 -18.07 -1.34
N LEU A 22 5.23 -17.22 -2.30
CA LEU A 22 5.53 -15.84 -1.94
C LEU A 22 4.28 -15.11 -1.47
N GLU A 23 3.15 -15.40 -2.10
CA GLU A 23 1.90 -14.75 -1.70
C GLU A 23 1.49 -15.18 -0.30
N ARG A 24 1.66 -16.48 0.02
CA ARG A 24 1.16 -16.96 1.29
C ARG A 24 2.04 -16.54 2.45
N ASN A 25 3.35 -16.63 2.28
CA ASN A 25 4.30 -16.15 3.28
C ASN A 25 5.65 -15.94 2.62
N PRO A 26 6.03 -14.69 2.32
CA PRO A 26 7.32 -14.44 1.67
C PRO A 26 8.50 -14.39 2.62
N TYR A 27 8.25 -14.39 3.93
CA TYR A 27 9.30 -14.05 4.89
C TYR A 27 10.41 -15.09 4.93
N GLU A 28 10.11 -16.38 4.73
CA GLU A 28 11.16 -17.40 4.81
C GLU A 28 12.12 -17.27 3.64
N VAL A 29 11.59 -17.14 2.41
CA VAL A 29 12.47 -16.95 1.26
C VAL A 29 13.29 -15.68 1.42
N TYR A 30 12.65 -14.60 1.88
CA TYR A 30 13.35 -13.33 1.92
C TYR A 30 14.38 -13.28 3.03
N GLU A 31 14.17 -14.06 4.10
CA GLU A 31 15.20 -14.19 5.11
C GLU A 31 16.47 -14.80 4.50
N ARG A 32 16.32 -15.86 3.72
CA ARG A 32 17.48 -16.40 2.99
C ARG A 32 18.08 -15.36 2.07
N LEU A 33 17.24 -14.62 1.33
CA LEU A 33 17.77 -13.61 0.41
C LEU A 33 18.58 -12.55 1.15
N ARG A 34 18.08 -12.09 2.29
CA ARG A 34 18.82 -11.07 3.03
C ARG A 34 20.20 -11.59 3.46
N ALA A 35 20.32 -12.88 3.78
CA ALA A 35 21.63 -13.40 4.14
C ALA A 35 22.47 -13.79 2.94
N GLU A 36 21.85 -14.37 1.90
CA GLU A 36 22.62 -14.92 0.78
C GLU A 36 22.86 -13.92 -0.33
N ALA A 37 21.88 -13.06 -0.61
CA ALA A 37 21.98 -12.23 -1.79
C ALA A 37 21.03 -11.04 -1.70
N PRO A 38 21.44 -9.98 -1.00
CA PRO A 38 20.57 -8.79 -0.81
C PRO A 38 20.03 -8.19 -2.09
N LEU A 39 20.72 -8.46 -3.20
CA LEU A 39 20.23 -8.17 -4.55
C LEU A 39 20.28 -9.48 -5.33
N ALA A 40 19.12 -9.99 -5.73
CA ALA A 40 19.07 -11.32 -6.32
C ALA A 40 18.01 -11.37 -7.40
N PHE A 41 18.30 -12.07 -8.49
CA PHE A 41 17.32 -12.28 -9.54
C PHE A 41 16.40 -13.41 -9.11
N VAL A 42 15.10 -13.16 -9.08
CA VAL A 42 14.16 -14.20 -8.65
C VAL A 42 13.41 -14.68 -9.89
N PRO A 43 13.64 -15.92 -10.36
CA PRO A 43 13.08 -16.35 -11.66
C PRO A 43 11.58 -16.19 -11.81
N VAL A 44 10.78 -16.63 -10.82
CA VAL A 44 9.34 -16.55 -10.98
C VAL A 44 8.85 -15.10 -11.07
N LEU A 45 9.61 -14.15 -10.54
CA LEU A 45 9.27 -12.75 -10.67
C LEU A 45 9.88 -12.11 -11.91
N GLY A 46 10.84 -12.78 -12.53
CA GLY A 46 11.47 -12.22 -13.72
C GLY A 46 12.26 -10.95 -13.47
N SER A 47 12.73 -10.74 -12.24
CA SER A 47 13.33 -9.46 -11.91
C SER A 47 14.33 -9.62 -10.77
N TYR A 48 15.33 -8.75 -10.77
CA TYR A 48 16.11 -8.55 -9.56
C TYR A 48 15.22 -8.03 -8.46
N VAL A 49 15.58 -8.38 -7.22
CA VAL A 49 14.83 -8.03 -6.04
C VAL A 49 15.82 -7.55 -4.99
N ALA A 50 15.47 -6.45 -4.30
CA ALA A 50 16.26 -5.92 -3.20
C ALA A 50 15.55 -6.30 -1.90
N SER A 51 16.27 -6.97 -1.00
CA SER A 51 15.65 -7.52 0.20
C SER A 51 16.10 -6.88 1.50
N THR A 52 17.26 -6.25 1.53
CA THR A 52 17.72 -5.64 2.78
C THR A 52 17.41 -4.15 2.81
N ALA A 53 17.45 -3.59 4.02
CA ALA A 53 17.23 -2.15 4.20
C ALA A 53 18.28 -1.33 3.48
N GLU A 54 19.54 -1.79 3.50
CA GLU A 54 20.61 -1.04 2.86
C GLU A 54 20.43 -0.98 1.35
N VAL A 55 20.12 -2.12 0.73
CA VAL A 55 20.01 -2.13 -0.73
C VAL A 55 18.75 -1.41 -1.19
N CYS A 56 17.62 -1.63 -0.48
CA CYS A 56 16.40 -0.89 -0.81
C CYS A 56 16.63 0.62 -0.69
N ARG A 57 17.17 1.07 0.44
CA ARG A 57 17.42 2.50 0.62
C ARG A 57 18.37 3.02 -0.44
N GLU A 58 19.37 2.22 -0.81
CA GLU A 58 20.31 2.71 -1.80
C GLU A 58 19.66 2.81 -3.18
N VAL A 59 19.00 1.75 -3.63
CA VAL A 59 18.34 1.78 -4.93
C VAL A 59 17.30 2.90 -4.98
N ALA A 60 16.48 3.04 -3.92
CA ALA A 60 15.40 4.03 -3.95
C ALA A 60 15.91 5.47 -4.03
N THR A 61 17.08 5.76 -3.48
CA THR A 61 17.62 7.13 -3.45
C THR A 61 18.77 7.33 -4.41
N SER A 62 19.10 6.35 -5.23
CA SER A 62 20.32 6.51 -6.02
C SER A 62 20.08 7.42 -7.22
N PRO A 63 21.02 8.32 -7.50
CA PRO A 63 20.95 9.10 -8.75
C PRO A 63 21.14 8.24 -9.99
N ASP A 64 21.64 7.02 -9.86
CA ASP A 64 21.82 6.11 -10.98
C ASP A 64 20.58 5.26 -11.26
N PHE A 65 19.47 5.53 -10.57
CA PHE A 65 18.22 4.81 -10.74
C PHE A 65 17.10 5.82 -10.89
N GLU A 66 16.09 5.48 -11.68
CA GLU A 66 14.86 6.24 -11.78
C GLU A 66 13.69 5.28 -11.59
N ALA A 67 12.49 5.83 -11.50
CA ALA A 67 11.31 5.00 -11.27
C ALA A 67 11.03 4.14 -12.48
N VAL A 68 10.53 2.93 -12.21
CA VAL A 68 9.93 2.08 -13.23
C VAL A 68 8.75 1.38 -12.56
N ILE A 69 7.77 1.04 -13.34
CA ILE A 69 6.66 0.28 -12.80
C ILE A 69 6.98 -1.21 -12.94
N THR A 70 6.59 -2.02 -11.95
CA THR A 70 6.73 -3.47 -12.12
C THR A 70 5.98 -3.89 -13.38
N PRO A 71 6.38 -4.99 -14.00
CA PRO A 71 5.70 -5.42 -15.24
C PRO A 71 4.20 -5.64 -15.09
N ALA A 72 3.75 -6.33 -14.04
CA ALA A 72 2.31 -6.50 -13.86
C ALA A 72 1.62 -5.18 -13.52
N GLY A 73 2.31 -4.31 -12.80
CA GLY A 73 1.78 -2.98 -12.57
C GLY A 73 1.61 -2.20 -13.86
N GLY A 74 2.59 -2.29 -14.75
CA GLY A 74 2.50 -1.57 -16.01
C GLY A 74 1.34 -2.08 -16.84
N ARG A 75 1.23 -3.40 -16.96
CA ARG A 75 0.09 -4.01 -17.65
C ARG A 75 -1.24 -3.55 -17.04
N THR A 76 -1.25 -3.25 -15.74
CA THR A 76 -2.51 -2.86 -15.10
C THR A 76 -2.78 -1.36 -15.22
N PHE A 77 -1.77 -0.53 -14.98
CA PHE A 77 -2.01 0.92 -14.89
C PHE A 77 -1.75 1.67 -16.19
N GLY A 78 -0.86 1.18 -17.05
CA GLY A 78 -0.50 1.96 -18.22
C GLY A 78 0.32 3.18 -17.86
N HIS A 79 0.20 4.21 -18.69
CA HIS A 79 1.01 5.41 -18.64
C HIS A 79 0.10 6.63 -18.63
N PRO A 80 0.40 7.67 -17.83
CA PRO A 80 1.56 7.83 -16.95
C PRO A 80 1.21 7.59 -15.47
N ALA A 81 1.38 6.36 -15.00
CA ALA A 81 1.21 6.10 -13.58
C ALA A 81 2.29 6.84 -12.80
N ILE A 82 1.87 7.59 -11.78
CA ILE A 82 2.82 8.42 -11.04
C ILE A 82 3.96 7.57 -10.48
N ILE A 83 3.69 6.31 -10.14
CA ILE A 83 4.73 5.45 -9.57
C ILE A 83 5.77 5.04 -10.62
N GLY A 84 5.48 5.20 -11.91
CA GLY A 84 6.42 4.71 -12.91
C GLY A 84 6.97 5.72 -13.91
N VAL A 85 6.86 7.02 -13.63
CA VAL A 85 7.34 8.04 -14.54
C VAL A 85 8.36 8.92 -13.84
N ASN A 86 9.11 9.68 -14.64
CA ASN A 86 10.20 10.49 -14.11
C ASN A 86 10.20 11.87 -14.75
N GLY A 87 11.15 12.71 -14.34
CA GLY A 87 11.32 13.99 -15.01
C GLY A 87 10.08 14.87 -14.93
N ASP A 88 9.76 15.49 -16.07
CA ASP A 88 8.71 16.51 -16.09
C ASP A 88 7.33 15.94 -15.81
N ILE A 89 6.97 14.80 -16.41
CA ILE A 89 5.65 14.22 -16.12
C ILE A 89 5.52 13.92 -14.63
N HIS A 90 6.55 13.33 -14.03
CA HIS A 90 6.49 13.04 -12.59
C HIS A 90 6.31 14.31 -11.78
N ALA A 91 7.06 15.37 -12.11
CA ALA A 91 6.95 16.60 -11.34
C ALA A 91 5.57 17.21 -11.47
N ASP A 92 4.99 17.15 -12.66
CA ASP A 92 3.62 17.64 -12.81
C ASP A 92 2.64 16.81 -11.96
N LEU A 93 2.75 15.47 -12.04
CA LEU A 93 1.83 14.62 -11.28
C LEU A 93 2.03 14.77 -9.77
N ARG A 94 3.28 14.93 -9.31
CA ARG A 94 3.50 15.22 -7.89
C ARG A 94 2.85 16.53 -7.52
N SER A 95 3.04 17.55 -8.36
CA SER A 95 2.40 18.83 -8.13
C SER A 95 0.90 18.70 -8.12
N MET A 96 0.36 17.86 -9.00
CA MET A 96 -1.07 17.64 -9.06
C MET A 96 -1.61 17.04 -7.76
N VAL A 97 -0.94 16.03 -7.21
CA VAL A 97 -1.54 15.33 -6.06
C VAL A 97 -1.20 15.94 -4.70
N GLU A 98 -0.13 16.71 -4.61
CA GLU A 98 0.36 17.15 -3.31
C GLU A 98 -0.52 18.14 -2.55
N PRO A 99 -1.32 19.00 -3.19
CA PRO A 99 -2.06 20.01 -2.40
C PRO A 99 -2.96 19.46 -1.30
N ALA A 100 -3.84 18.51 -1.60
CA ALA A 100 -4.69 18.01 -0.52
C ALA A 100 -3.94 17.15 0.49
N LEU A 101 -2.69 16.76 0.20
CA LEU A 101 -1.91 15.91 1.08
C LEU A 101 -0.96 16.69 1.96
N GLN A 102 -0.91 18.00 1.80
CA GLN A 102 -0.03 18.85 2.59
C GLN A 102 -0.39 18.76 4.07
N PRO A 103 0.59 18.56 4.96
CA PRO A 103 0.26 18.43 6.39
C PRO A 103 -0.59 19.57 6.93
N ALA A 104 -0.24 20.82 6.60
CA ALA A 104 -1.02 21.95 7.08
C ALA A 104 -2.46 21.90 6.56
N GLU A 105 -2.65 21.32 5.38
CA GLU A 105 -3.99 21.18 4.82
C GLU A 105 -4.72 20.01 5.45
N VAL A 106 -4.05 18.85 5.59
CA VAL A 106 -4.69 17.69 6.21
C VAL A 106 -5.20 18.05 7.60
N ASP A 107 -4.40 18.78 8.37
CA ASP A 107 -4.80 19.11 9.73
C ASP A 107 -6.07 19.96 9.78
N ARG A 108 -6.40 20.69 8.71
CA ARG A 108 -7.61 21.52 8.74
C ARG A 108 -8.88 20.69 8.80
N TRP A 109 -8.90 19.49 8.19
CA TRP A 109 -10.16 18.81 8.01
C TRP A 109 -10.13 17.31 8.27
N ILE A 110 -8.97 16.71 8.57
CA ILE A 110 -8.91 15.26 8.65
C ILE A 110 -9.87 14.74 9.72
N ASP A 111 -10.03 15.48 10.82
CA ASP A 111 -10.83 14.95 11.91
C ASP A 111 -12.32 14.94 11.57
N ASP A 112 -12.85 16.03 11.02
CA ASP A 112 -14.24 16.02 10.57
C ASP A 112 -14.47 15.08 9.39
N LEU A 113 -13.43 14.72 8.65
CA LEU A 113 -13.60 13.73 7.59
C LEU A 113 -13.74 12.31 8.19
N VAL A 114 -12.72 11.86 8.93
CA VAL A 114 -12.60 10.43 9.24
C VAL A 114 -13.43 10.04 10.46
N ARG A 115 -13.42 10.86 11.52
CA ARG A 115 -14.10 10.48 12.75
C ARG A 115 -15.60 10.19 12.55
N PRO A 116 -16.39 11.03 11.87
CA PRO A 116 -17.80 10.63 11.64
C PRO A 116 -17.92 9.35 10.83
N ILE A 117 -17.00 9.13 9.89
CA ILE A 117 -17.02 7.90 9.09
C ILE A 117 -16.76 6.69 9.97
N ALA A 118 -15.74 6.76 10.83
CA ALA A 118 -15.47 5.65 11.74
C ALA A 118 -16.67 5.37 12.62
N ARG A 119 -17.32 6.42 13.10
CA ARG A 119 -18.49 6.24 13.96
C ARG A 119 -19.63 5.56 13.18
N ARG A 120 -19.87 6.01 11.95
CA ARG A 120 -20.95 5.40 11.18
C ARG A 120 -20.74 3.90 11.00
N TYR A 121 -19.50 3.48 10.76
CA TYR A 121 -19.29 2.05 10.62
C TYR A 121 -19.30 1.33 11.96
N LEU A 122 -18.71 1.94 13.00
CA LEU A 122 -18.75 1.32 14.32
C LEU A 122 -20.18 1.09 14.78
N GLU A 123 -21.08 2.04 14.50
CA GLU A 123 -22.46 1.94 14.93
C GLU A 123 -23.17 0.72 14.38
N ARG A 124 -22.72 0.18 13.25
CA ARG A 124 -23.38 -1.00 12.69
C ARG A 124 -23.12 -2.26 13.49
N PHE A 125 -22.08 -2.30 14.32
CA PHE A 125 -21.76 -3.56 14.97
C PHE A 125 -21.29 -3.44 16.41
N GLU A 126 -21.10 -2.24 16.95
CA GLU A 126 -20.41 -2.07 18.23
C GLU A 126 -21.14 -2.79 19.37
N ASN A 127 -22.42 -3.10 19.19
CA ASN A 127 -23.16 -3.83 20.20
C ASN A 127 -23.39 -5.29 19.84
N ASP A 128 -22.86 -5.76 18.71
CA ASP A 128 -23.07 -7.16 18.35
C ASP A 128 -22.30 -8.12 19.26
N GLY A 129 -21.11 -7.72 19.72
CA GLY A 129 -20.26 -8.63 20.47
C GLY A 129 -19.31 -9.45 19.62
N HIS A 130 -19.36 -9.30 18.30
CA HIS A 130 -18.50 -10.03 17.39
C HIS A 130 -18.41 -9.24 16.10
N ALA A 131 -17.26 -9.31 15.45
CA ALA A 131 -17.15 -8.64 14.15
C ALA A 131 -15.96 -9.21 13.41
N GLU A 132 -15.99 -9.00 12.11
CA GLU A 132 -14.86 -9.26 11.24
C GLU A 132 -14.34 -7.88 10.83
N LEU A 133 -13.27 -7.44 11.49
CA LEU A 133 -12.91 -6.03 11.45
C LEU A 133 -12.39 -5.60 10.07
N VAL A 134 -11.80 -6.52 9.30
CA VAL A 134 -11.33 -6.12 7.96
C VAL A 134 -12.49 -5.70 7.09
N ALA A 135 -13.49 -6.58 6.94
CA ALA A 135 -14.60 -6.26 6.06
C ALA A 135 -15.54 -5.23 6.67
N GLN A 136 -15.70 -5.21 7.98
CA GLN A 136 -16.71 -4.39 8.61
C GLN A 136 -16.20 -3.03 9.06
N TYR A 137 -14.89 -2.83 9.12
CA TYR A 137 -14.40 -1.58 9.70
C TYR A 137 -13.19 -1.03 8.96
N CYS A 138 -12.08 -1.78 8.97
CA CYS A 138 -10.80 -1.26 8.48
C CYS A 138 -10.88 -0.83 7.02
N GLU A 139 -11.27 -1.74 6.14
CA GLU A 139 -11.42 -1.38 4.73
C GLU A 139 -12.47 -0.30 4.48
N PRO A 140 -13.70 -0.39 5.01
CA PRO A 140 -14.66 0.70 4.73
C PRO A 140 -14.20 2.07 5.22
N VAL A 141 -13.65 2.17 6.42
CA VAL A 141 -13.19 3.47 6.89
C VAL A 141 -12.14 4.02 5.95
N SER A 142 -11.22 3.15 5.53
CA SER A 142 -10.15 3.57 4.63
C SER A 142 -10.71 4.07 3.29
N VAL A 143 -11.61 3.31 2.67
CA VAL A 143 -12.06 3.70 1.33
C VAL A 143 -13.06 4.85 1.41
N ARG A 144 -13.92 4.87 2.44
CA ARG A 144 -14.90 5.94 2.55
C ARG A 144 -14.21 7.28 2.76
N SER A 145 -13.13 7.29 3.56
CA SER A 145 -12.38 8.51 3.81
C SER A 145 -11.75 9.05 2.54
N LEU A 146 -10.99 8.21 1.85
CA LEU A 146 -10.34 8.67 0.62
C LEU A 146 -11.36 8.95 -0.47
N GLY A 147 -12.37 8.08 -0.61
CA GLY A 147 -13.41 8.30 -1.61
C GLY A 147 -14.05 9.66 -1.50
N ASP A 148 -14.43 10.07 -0.27
CA ASP A 148 -15.00 11.40 -0.09
C ASP A 148 -13.99 12.49 -0.42
N LEU A 149 -12.72 12.28 -0.07
CA LEU A 149 -11.70 13.26 -0.42
C LEU A 149 -11.56 13.40 -1.94
N LEU A 150 -11.65 12.29 -2.67
CA LEU A 150 -11.44 12.32 -4.11
C LEU A 150 -12.63 12.93 -4.85
N GLY A 151 -13.81 12.85 -4.27
CA GLY A 151 -15.03 13.21 -4.96
C GLY A 151 -15.88 12.02 -5.35
N LEU A 152 -15.63 10.85 -4.80
CA LEU A 152 -16.38 9.62 -5.06
C LEU A 152 -17.39 9.35 -3.96
N GLN A 153 -18.10 10.39 -3.51
CA GLN A 153 -19.08 10.23 -2.44
C GLN A 153 -20.16 9.22 -2.78
N GLU A 154 -20.53 9.09 -4.04
CA GLU A 154 -21.65 8.24 -4.42
C GLU A 154 -21.23 6.84 -4.84
N VAL A 155 -19.95 6.53 -4.77
CA VAL A 155 -19.48 5.16 -4.97
C VAL A 155 -19.51 4.45 -3.63
N ASP A 156 -20.27 3.38 -3.54
CA ASP A 156 -20.42 2.63 -2.30
C ASP A 156 -19.08 2.07 -1.83
N SER A 157 -18.88 2.07 -0.52
CA SER A 157 -17.78 1.36 0.13
C SER A 157 -17.53 -0.02 -0.47
N ASP A 158 -18.58 -0.83 -0.59
CA ASP A 158 -18.41 -2.19 -1.09
C ASP A 158 -17.81 -2.21 -2.49
N LYS A 159 -18.12 -1.21 -3.30
CA LYS A 159 -17.61 -1.12 -4.66
C LYS A 159 -16.14 -0.70 -4.66
N LEU A 160 -15.79 0.33 -3.89
CA LEU A 160 -14.39 0.72 -3.76
C LEU A 160 -13.54 -0.44 -3.29
N ARG A 161 -14.07 -1.26 -2.36
CA ARG A 161 -13.31 -2.41 -1.87
C ARG A 161 -13.14 -3.48 -2.96
N GLU A 162 -14.18 -3.69 -3.77
CA GLU A 162 -14.08 -4.64 -4.86
C GLU A 162 -13.05 -4.19 -5.89
N TRP A 163 -13.05 -2.89 -6.21
CA TRP A 163 -12.09 -2.37 -7.19
C TRP A 163 -10.66 -2.56 -6.73
N PHE A 164 -10.36 -2.25 -5.47
CA PHE A 164 -8.95 -2.36 -5.09
C PHE A 164 -8.54 -3.81 -4.98
N ALA A 165 -9.47 -4.72 -4.67
CA ALA A 165 -9.10 -6.13 -4.64
C ALA A 165 -8.78 -6.63 -6.05
N LYS A 166 -9.58 -6.21 -7.04
CA LYS A 166 -9.31 -6.65 -8.41
C LYS A 166 -8.03 -6.03 -8.94
N LEU A 167 -7.86 -4.71 -8.76
CA LEU A 167 -6.61 -4.06 -9.12
C LEU A 167 -5.43 -4.69 -8.40
N ASN A 168 -5.61 -5.06 -7.12
CA ASN A 168 -4.56 -5.75 -6.39
C ASN A 168 -4.11 -7.00 -7.14
N ARG A 169 -5.05 -7.89 -7.47
CA ARG A 169 -4.68 -9.16 -8.06
C ARG A 169 -4.05 -8.98 -9.44
N SER A 170 -4.52 -7.99 -10.19
CA SER A 170 -3.96 -7.69 -11.50
C SER A 170 -2.54 -7.12 -11.38
N ALA A 171 -2.36 -6.12 -10.51
CA ALA A 171 -1.05 -5.47 -10.42
C ALA A 171 0.01 -6.36 -9.78
N THR A 172 -0.39 -7.42 -9.06
CA THR A 172 0.55 -8.37 -8.49
C THR A 172 0.56 -9.69 -9.24
N ASN A 173 -0.05 -9.75 -10.42
CA ASN A 173 -0.06 -10.95 -11.25
C ASN A 173 1.31 -11.16 -11.90
N ALA A 174 2.35 -11.28 -11.09
CA ALA A 174 3.72 -11.07 -11.55
C ALA A 174 4.40 -12.32 -12.10
N ALA A 175 3.81 -13.50 -11.92
CA ALA A 175 4.53 -14.73 -12.20
C ALA A 175 4.85 -14.85 -13.69
N VAL A 176 6.07 -15.28 -13.99
CA VAL A 176 6.47 -15.50 -15.38
C VAL A 176 6.93 -16.94 -15.53
N ASP A 177 6.76 -17.49 -16.73
CA ASP A 177 7.19 -18.85 -17.04
C ASP A 177 8.67 -18.83 -17.40
N GLU A 178 9.19 -19.96 -17.88
CA GLU A 178 10.62 -20.00 -18.12
C GLU A 178 11.06 -19.17 -19.33
N ASN A 179 10.13 -18.71 -20.16
CA ASN A 179 10.49 -17.84 -21.27
C ASN A 179 10.32 -16.36 -20.93
N GLY A 180 10.08 -16.01 -19.68
CA GLY A 180 9.90 -14.62 -19.32
C GLY A 180 8.54 -14.04 -19.63
N GLU A 181 7.61 -14.85 -20.11
CA GLU A 181 6.26 -14.39 -20.39
C GLU A 181 5.37 -14.57 -19.17
N PHE A 182 4.42 -13.66 -19.00
CA PHE A 182 3.47 -13.77 -17.91
C PHE A 182 2.85 -15.17 -17.89
N ALA A 183 2.94 -15.84 -16.74
CA ALA A 183 2.42 -17.21 -16.65
C ALA A 183 0.90 -17.23 -16.65
N ASN A 184 0.24 -16.24 -16.03
CA ASN A 184 -1.21 -16.22 -15.86
CA ASN A 184 -1.22 -16.22 -15.87
C ASN A 184 -1.79 -14.95 -16.49
N PRO A 185 -1.79 -14.86 -17.83
CA PRO A 185 -2.34 -13.63 -18.46
C PRO A 185 -3.84 -13.44 -18.23
N GLU A 186 -4.57 -14.47 -17.84
CA GLU A 186 -5.98 -14.29 -17.51
C GLU A 186 -6.15 -13.41 -16.27
N GLY A 187 -5.17 -13.40 -15.37
CA GLY A 187 -5.27 -12.58 -14.17
C GLY A 187 -5.34 -11.09 -14.43
N PHE A 188 -5.03 -10.64 -15.65
CA PHE A 188 -5.16 -9.23 -15.94
C PHE A 188 -6.60 -8.86 -16.29
N ALA A 189 -7.44 -9.85 -16.62
CA ALA A 189 -8.79 -9.57 -17.08
C ALA A 189 -9.62 -8.86 -16.01
N GLU A 190 -9.49 -9.26 -14.74
CA GLU A 190 -10.32 -8.60 -13.74
C GLU A 190 -9.80 -7.21 -13.43
N GLY A 191 -8.51 -6.96 -13.64
CA GLY A 191 -8.02 -5.60 -13.67
C GLY A 191 -8.69 -4.80 -14.77
N ASP A 192 -8.75 -5.36 -15.99
CA ASP A 192 -9.37 -4.67 -17.10
C ASP A 192 -10.85 -4.41 -16.84
N GLN A 193 -11.54 -5.36 -16.20
CA GLN A 193 -12.95 -5.18 -15.89
C GLN A 193 -13.15 -4.10 -14.83
N ALA A 194 -12.30 -4.06 -13.81
CA ALA A 194 -12.40 -3.01 -12.81
C ALA A 194 -12.15 -1.65 -13.44
N LYS A 195 -11.15 -1.54 -14.32
CA LYS A 195 -10.90 -0.28 -14.98
C LYS A 195 -12.10 0.16 -15.80
N ALA A 196 -12.78 -0.79 -16.45
CA ALA A 196 -13.95 -0.46 -17.27
C ALA A 196 -15.08 0.07 -16.40
N GLU A 197 -15.35 -0.58 -15.26
CA GLU A 197 -16.36 -0.07 -14.34
C GLU A 197 -15.97 1.31 -13.84
N ILE A 198 -14.69 1.50 -13.53
CA ILE A 198 -14.26 2.78 -13.00
C ILE A 198 -14.50 3.88 -14.02
N ARG A 199 -14.20 3.59 -15.31
CA ARG A 199 -14.41 4.58 -16.37
C ARG A 199 -15.88 4.95 -16.50
N ALA A 200 -16.77 3.95 -16.43
CA ALA A 200 -18.19 4.21 -16.58
C ALA A 200 -18.70 5.09 -15.46
N VAL A 201 -18.17 4.92 -14.25
CA VAL A 201 -18.60 5.70 -13.09
C VAL A 201 -17.92 7.07 -13.07
N VAL A 202 -16.64 7.16 -13.43
CA VAL A 202 -15.87 8.39 -13.20
C VAL A 202 -15.89 9.33 -14.40
N ASP A 203 -16.00 8.82 -15.62
CA ASP A 203 -16.12 9.68 -16.78
C ASP A 203 -17.25 10.71 -16.65
N PRO A 204 -18.46 10.36 -16.16
CA PRO A 204 -19.46 11.41 -15.91
C PRO A 204 -19.02 12.41 -14.85
N LEU A 205 -18.30 11.96 -13.82
CA LEU A 205 -17.83 12.92 -12.82
C LEU A 205 -16.80 13.88 -13.39
N ILE A 206 -15.87 13.37 -14.21
CA ILE A 206 -14.90 14.26 -14.86
C ILE A 206 -15.63 15.21 -15.81
N ASP A 207 -16.60 14.71 -16.56
CA ASP A 207 -17.44 15.58 -17.39
C ASP A 207 -17.94 16.77 -16.59
N LYS A 208 -18.54 16.49 -15.43
CA LYS A 208 -19.10 17.54 -14.59
C LYS A 208 -18.01 18.47 -14.07
N TRP A 209 -16.94 17.91 -13.51
CA TRP A 209 -15.91 18.74 -12.88
C TRP A 209 -15.23 19.66 -13.87
N ILE A 210 -15.14 19.25 -15.14
CA ILE A 210 -14.47 20.09 -16.13
C ILE A 210 -15.19 21.43 -16.28
N GLU A 211 -16.52 21.40 -16.29
CA GLU A 211 -17.31 22.61 -16.42
C GLU A 211 -17.66 23.26 -15.08
N HIS A 212 -17.77 22.45 -14.02
CA HIS A 212 -18.22 22.89 -12.70
C HIS A 212 -17.27 22.38 -11.63
N PRO A 213 -16.08 22.98 -11.53
CA PRO A 213 -15.11 22.54 -10.51
C PRO A 213 -15.69 22.67 -9.11
N ASP A 214 -15.26 21.78 -8.22
CA ASP A 214 -15.61 21.85 -6.80
C ASP A 214 -14.36 21.52 -5.99
N ASP A 215 -14.52 21.23 -4.70
CA ASP A 215 -13.33 21.04 -3.87
CA ASP A 215 -13.43 21.02 -3.78
C ASP A 215 -12.93 19.57 -3.74
N SER A 216 -13.55 18.67 -4.50
CA SER A 216 -13.06 17.31 -4.56
C SER A 216 -11.65 17.28 -5.17
N ALA A 217 -10.82 16.34 -4.69
CA ALA A 217 -9.42 16.29 -5.12
C ALA A 217 -9.31 16.02 -6.62
N ILE A 218 -10.18 15.17 -7.18
CA ILE A 218 -10.02 14.87 -8.61
C ILE A 218 -10.33 16.11 -9.45
N SER A 219 -11.25 16.95 -9.01
CA SER A 219 -11.51 18.19 -9.71
C SER A 219 -10.28 19.09 -9.66
N HIS A 220 -9.56 19.07 -8.54
CA HIS A 220 -8.35 19.86 -8.45
C HIS A 220 -7.24 19.27 -9.31
N TRP A 221 -7.21 17.94 -9.49
CA TRP A 221 -6.25 17.36 -10.42
C TRP A 221 -6.50 17.87 -11.83
N LEU A 222 -7.77 18.06 -12.19
CA LEU A 222 -8.11 18.52 -13.53
C LEU A 222 -7.74 19.99 -13.75
N HIS A 223 -7.92 20.84 -12.72
CA HIS A 223 -7.88 22.29 -12.90
C HIS A 223 -6.60 22.95 -12.40
N ASP A 224 -5.99 22.44 -11.31
CA ASP A 224 -4.90 23.13 -10.64
C ASP A 224 -3.73 23.38 -11.58
N GLY A 225 -3.20 24.61 -11.56
CA GLY A 225 -2.04 24.94 -12.34
C GLY A 225 -2.25 24.95 -13.83
N MET A 226 -3.50 24.98 -14.28
CA MET A 226 -3.75 24.96 -15.71
C MET A 226 -4.16 26.34 -16.19
N PRO A 227 -3.78 26.71 -17.42
CA PRO A 227 -4.21 27.99 -17.98
C PRO A 227 -5.71 28.13 -17.90
N PRO A 228 -6.24 29.35 -18.06
CA PRO A 228 -7.68 29.54 -17.95
C PRO A 228 -8.46 28.76 -18.99
N GLY A 229 -9.53 28.11 -18.52
CA GLY A 229 -10.38 27.28 -19.37
C GLY A 229 -9.85 25.91 -19.69
N GLN A 230 -8.60 25.59 -19.33
CA GLN A 230 -7.97 24.32 -19.67
C GLN A 230 -8.04 23.34 -18.51
N THR A 231 -8.05 22.06 -18.84
CA THR A 231 -7.92 20.99 -17.87
C THR A 231 -6.91 19.97 -18.36
N ARG A 232 -6.29 19.26 -17.41
CA ARG A 232 -5.50 18.08 -17.79
C ARG A 232 -6.41 17.07 -18.48
N ASP A 233 -5.92 16.49 -19.58
CA ASP A 233 -6.70 15.47 -20.26
C ASP A 233 -6.97 14.30 -19.32
N ARG A 234 -8.16 13.73 -19.42
CA ARG A 234 -8.51 12.63 -18.51
C ARG A 234 -7.59 11.43 -18.72
N GLU A 235 -7.13 11.18 -19.96
CA GLU A 235 -6.28 10.02 -20.17
C GLU A 235 -4.95 10.21 -19.45
N TYR A 236 -4.56 11.46 -19.26
CA TYR A 236 -3.34 11.81 -18.55
C TYR A 236 -3.45 11.55 -17.05
N ILE A 237 -4.64 11.71 -16.45
CA ILE A 237 -4.76 11.51 -15.01
C ILE A 237 -5.34 10.16 -14.62
N TYR A 238 -5.93 9.41 -15.54
CA TYR A 238 -6.58 8.16 -15.13
C TYR A 238 -5.61 7.17 -14.51
N PRO A 239 -4.41 6.93 -15.07
CA PRO A 239 -3.50 5.97 -14.43
C PRO A 239 -3.24 6.27 -12.97
N THR A 240 -3.10 7.55 -12.62
CA THR A 240 -2.92 7.91 -11.22
C THR A 240 -4.20 7.74 -10.42
N ILE A 241 -5.36 7.92 -11.05
CA ILE A 241 -6.61 7.56 -10.37
C ILE A 241 -6.59 6.07 -10.03
N TYR A 242 -6.11 5.23 -10.95
CA TYR A 242 -6.01 3.81 -10.66
C TYR A 242 -5.03 3.54 -9.53
N VAL A 243 -3.89 4.24 -9.53
CA VAL A 243 -2.93 4.08 -8.45
C VAL A 243 -3.58 4.37 -7.10
N TYR A 244 -4.42 5.42 -7.05
CA TYR A 244 -5.18 5.70 -5.83
C TYR A 244 -6.18 4.58 -5.54
N LEU A 245 -6.95 4.18 -6.55
CA LEU A 245 -8.02 3.23 -6.30
C LEU A 245 -7.49 1.84 -5.96
N LEU A 246 -6.18 1.61 -6.10
CA LEU A 246 -5.55 0.42 -5.50
C LEU A 246 -4.94 0.79 -4.15
N GLY A 247 -3.73 1.37 -4.16
CA GLY A 247 -2.92 1.42 -2.95
C GLY A 247 -3.41 2.44 -1.94
N ALA A 248 -3.83 3.61 -2.40
CA ALA A 248 -4.29 4.62 -1.44
C ALA A 248 -5.57 4.17 -0.75
N MET A 249 -6.46 3.49 -1.48
CA MET A 249 -7.68 2.94 -0.88
C MET A 249 -7.38 1.74 0.04
N GLN A 250 -6.41 0.92 -0.31
CA GLN A 250 -6.26 -0.35 0.39
C GLN A 250 -5.35 -0.26 1.61
N GLU A 251 -4.28 0.51 1.50
CA GLU A 251 -3.18 0.36 2.46
C GLU A 251 -3.50 0.88 3.86
N PRO A 252 -4.18 2.03 4.05
CA PRO A 252 -4.48 2.41 5.44
C PRO A 252 -5.36 1.39 6.13
N GLY A 253 -6.26 0.72 5.40
CA GLY A 253 -6.99 -0.41 5.96
C GLY A 253 -6.07 -1.56 6.35
N HIS A 254 -5.14 -1.91 5.46
CA HIS A 254 -4.19 -2.97 5.77
C HIS A 254 -3.33 -2.60 6.98
N GLY A 255 -2.97 -1.32 7.09
CA GLY A 255 -2.05 -0.91 8.13
C GLY A 255 -2.67 -0.95 9.50
N MET A 256 -3.92 -0.50 9.62
CA MET A 256 -4.56 -0.53 10.92
C MET A 256 -4.93 -1.97 11.32
N ALA A 257 -5.37 -2.79 10.36
CA ALA A 257 -5.67 -4.17 10.69
C ALA A 257 -4.41 -4.92 11.13
N SER A 258 -3.29 -4.69 10.45
CA SER A 258 -2.04 -5.33 10.84
C SER A 258 -1.59 -4.85 12.22
N THR A 259 -1.77 -3.57 12.50
CA THR A 259 -1.44 -3.06 13.83
C THR A 259 -2.26 -3.78 14.90
N LEU A 260 -3.57 -3.91 14.66
CA LEU A 260 -4.43 -4.64 15.59
C LEU A 260 -3.94 -6.07 15.81
N VAL A 261 -3.63 -6.77 14.72
CA VAL A 261 -3.17 -8.15 14.88
C VAL A 261 -1.89 -8.17 15.70
N GLY A 262 -0.95 -7.28 15.38
CA GLY A 262 0.25 -7.15 16.18
C GLY A 262 -0.04 -6.86 17.64
N LEU A 263 -0.95 -5.92 17.92
CA LEU A 263 -1.29 -5.64 19.30
C LEU A 263 -1.93 -6.85 19.99
N PHE A 264 -2.84 -7.55 19.31
CA PHE A 264 -3.41 -8.77 19.89
C PHE A 264 -2.33 -9.77 20.23
N SER A 265 -1.28 -9.85 19.39
CA SER A 265 -0.19 -10.77 19.67
C SER A 265 0.61 -10.38 20.92
N ARG A 266 0.44 -9.15 21.42
CA ARG A 266 1.11 -8.68 22.63
C ARG A 266 0.07 -8.04 23.55
N PRO A 267 -0.67 -8.87 24.30
CA PRO A 267 -1.91 -8.38 24.97
C PRO A 267 -1.70 -7.26 25.98
N GLU A 268 -0.59 -7.26 26.72
CA GLU A 268 -0.30 -6.16 27.63
C GLU A 268 0.03 -4.86 26.87
N GLN A 269 0.58 -4.97 25.65
CA GLN A 269 0.73 -3.76 24.84
C GLN A 269 -0.63 -3.28 24.34
N LEU A 270 -1.51 -4.21 23.98
CA LEU A 270 -2.86 -3.83 23.60
C LEU A 270 -3.55 -3.12 24.74
N GLU A 271 -3.43 -3.66 25.95
CA GLU A 271 -4.02 -3.01 27.12
C GLU A 271 -3.45 -1.62 27.30
N GLU A 272 -2.13 -1.49 27.20
CA GLU A 272 -1.49 -0.19 27.34
C GLU A 272 -2.02 0.82 26.32
N VAL A 273 -2.26 0.37 25.09
CA VAL A 273 -2.73 1.29 24.06
C VAL A 273 -4.18 1.68 24.29
N VAL A 274 -5.02 0.74 24.75
CA VAL A 274 -6.41 1.07 25.04
C VAL A 274 -6.47 2.09 26.19
N ASP A 275 -5.67 1.87 27.24
CA ASP A 275 -5.64 2.80 28.38
C ASP A 275 -5.13 4.16 27.97
N ASP A 276 -4.12 4.20 27.09
CA ASP A 276 -3.48 5.46 26.69
C ASP A 276 -3.48 5.56 25.16
N PRO A 277 -4.55 6.12 24.59
CA PRO A 277 -4.63 6.21 23.12
C PRO A 277 -3.61 7.17 22.50
N THR A 278 -2.82 7.92 23.29
CA THR A 278 -1.75 8.71 22.70
C THR A 278 -0.64 7.81 22.15
N LEU A 279 -0.60 6.54 22.54
CA LEU A 279 0.35 5.60 21.97
C LEU A 279 -0.09 5.02 20.63
N ILE A 280 -1.29 5.32 20.15
CA ILE A 280 -1.74 4.73 18.89
C ILE A 280 -0.77 5.04 17.75
N PRO A 281 -0.29 6.28 17.56
CA PRO A 281 0.65 6.51 16.44
C PRO A 281 1.90 5.64 16.53
N ARG A 282 2.46 5.46 17.72
CA ARG A 282 3.60 4.58 17.86
C ARG A 282 3.24 3.13 17.54
N ALA A 283 2.04 2.69 17.94
CA ALA A 283 1.59 1.34 17.61
C ALA A 283 1.45 1.15 16.10
N ILE A 284 0.94 2.17 15.41
CA ILE A 284 0.78 2.06 13.97
C ILE A 284 2.13 1.99 13.27
N ALA A 285 3.10 2.80 13.74
CA ALA A 285 4.41 2.80 13.09
C ALA A 285 5.08 1.44 13.21
N GLU A 286 4.93 0.78 14.38
CA GLU A 286 5.44 -0.57 14.50
C GLU A 286 4.64 -1.57 13.67
N GLY A 287 3.32 -1.35 13.55
CA GLY A 287 2.52 -2.21 12.69
C GLY A 287 2.97 -2.14 11.24
N LEU A 288 3.23 -0.93 10.75
CA LEU A 288 3.72 -0.78 9.38
C LEU A 288 5.05 -1.50 9.18
N ARG A 289 5.96 -1.43 10.17
CA ARG A 289 7.21 -2.17 10.04
C ARG A 289 6.97 -3.67 10.09
N TRP A 290 6.07 -4.10 10.98
CA TRP A 290 5.91 -5.52 11.26
C TRP A 290 5.27 -6.26 10.09
N THR A 291 4.28 -5.66 9.44
CA THR A 291 3.71 -6.20 8.19
C THR A 291 3.46 -5.03 7.24
N SER A 292 4.39 -4.76 6.36
CA SER A 292 4.31 -3.56 5.52
C SER A 292 3.21 -3.69 4.47
N PRO A 293 2.20 -2.81 4.50
CA PRO A 293 1.10 -2.94 3.54
C PRO A 293 1.56 -2.97 2.10
N ILE A 294 2.47 -2.06 1.71
CA ILE A 294 3.09 -2.15 0.40
C ILE A 294 4.37 -2.94 0.61
N TRP A 295 4.28 -4.24 0.36
CA TRP A 295 5.33 -5.16 0.76
C TRP A 295 6.42 -5.22 -0.31
N SER A 296 6.03 -5.35 -1.57
CA SER A 296 6.99 -5.40 -2.65
C SER A 296 6.33 -5.03 -3.97
N ALA A 297 5.88 -3.79 -4.12
CA ALA A 297 5.13 -3.41 -5.30
C ALA A 297 5.74 -2.25 -6.05
N SER A 298 6.81 -1.66 -5.53
CA SER A 298 7.52 -0.58 -6.18
C SER A 298 8.87 -1.07 -6.70
N ALA A 299 9.40 -0.32 -7.66
CA ALA A 299 10.58 -0.73 -8.39
C ALA A 299 11.37 0.49 -8.82
N ARG A 300 12.61 0.25 -9.22
CA ARG A 300 13.41 1.27 -9.89
C ARG A 300 14.16 0.58 -11.02
N ILE A 301 14.74 1.39 -11.90
CA ILE A 301 15.50 0.85 -13.01
C ILE A 301 16.81 1.64 -13.11
N SER A 302 17.92 0.92 -13.29
CA SER A 302 19.21 1.56 -13.43
C SER A 302 19.27 2.36 -14.71
N THR A 303 19.89 3.54 -14.65
CA THR A 303 20.09 4.36 -15.84
C THR A 303 21.52 4.30 -16.34
N LYS A 304 22.43 3.78 -15.52
CA LYS A 304 23.86 3.63 -15.71
C LYS A 304 24.22 2.22 -15.24
N PRO A 305 25.36 1.68 -15.67
CA PRO A 305 25.88 0.48 -15.02
C PRO A 305 26.23 0.78 -13.56
N VAL A 306 25.90 -0.16 -12.67
CA VAL A 306 26.01 0.05 -11.24
C VAL A 306 26.43 -1.24 -10.57
N THR A 307 27.08 -1.12 -9.43
CA THR A 307 27.46 -2.27 -8.61
C THR A 307 26.74 -2.14 -7.29
N ILE A 308 25.79 -3.02 -7.02
CA ILE A 308 25.03 -3.06 -5.78
C ILE A 308 25.21 -4.43 -5.16
N ALA A 309 25.67 -4.47 -3.90
CA ALA A 309 25.78 -5.70 -3.15
C ALA A 309 26.54 -6.76 -3.94
N GLY A 310 27.64 -6.35 -4.55
CA GLY A 310 28.47 -7.26 -5.31
C GLY A 310 27.92 -7.72 -6.64
N VAL A 311 26.71 -7.29 -7.00
CA VAL A 311 26.15 -7.56 -8.32
C VAL A 311 26.47 -6.37 -9.22
N ASP A 312 26.94 -6.64 -10.43
CA ASP A 312 27.18 -5.62 -11.44
C ASP A 312 25.95 -5.56 -12.34
N LEU A 313 25.23 -4.46 -12.28
CA LEU A 313 24.02 -4.36 -13.08
C LEU A 313 24.25 -3.53 -14.32
N PRO A 314 23.84 -4.00 -15.49
CA PRO A 314 23.89 -3.14 -16.67
C PRO A 314 22.86 -2.04 -16.56
N ALA A 315 23.03 -1.01 -17.39
CA ALA A 315 22.01 0.01 -17.50
C ALA A 315 20.69 -0.61 -17.95
N GLY A 316 19.59 -0.03 -17.48
CA GLY A 316 18.28 -0.53 -17.86
C GLY A 316 17.86 -1.80 -17.14
N THR A 317 18.33 -2.00 -15.91
CA THR A 317 17.96 -3.19 -15.15
C THR A 317 16.91 -2.82 -14.10
N PRO A 318 15.73 -3.43 -14.13
CA PRO A 318 14.75 -3.16 -13.06
C PRO A 318 15.11 -3.86 -11.76
N VAL A 319 14.78 -3.21 -10.64
CA VAL A 319 14.97 -3.81 -9.32
C VAL A 319 13.68 -3.59 -8.54
N MET A 320 13.07 -4.68 -8.09
CA MET A 320 11.92 -4.60 -7.21
C MET A 320 12.38 -4.29 -5.80
N LEU A 321 11.69 -3.37 -5.14
CA LEU A 321 12.02 -2.96 -3.78
C LEU A 321 11.07 -3.66 -2.80
N SER A 322 11.56 -4.69 -2.14
CA SER A 322 10.72 -5.43 -1.19
C SER A 322 10.86 -4.80 0.21
N TYR A 323 10.29 -3.61 0.31
CA TYR A 323 10.29 -2.87 1.57
C TYR A 323 9.80 -3.71 2.74
N GLY A 324 8.82 -4.58 2.51
CA GLY A 324 8.33 -5.45 3.57
C GLY A 324 9.41 -6.37 4.12
N SER A 325 10.32 -6.84 3.26
CA SER A 325 11.44 -7.63 3.74
C SER A 325 12.47 -6.73 4.42
N ALA A 326 12.73 -5.56 3.85
CA ALA A 326 13.68 -4.64 4.44
C ALA A 326 13.28 -4.25 5.87
N ASN A 327 11.98 -4.24 6.16
CA ASN A 327 11.53 -3.86 7.48
C ASN A 327 11.64 -4.98 8.49
N HIS A 328 12.09 -6.17 8.06
CA HIS A 328 12.49 -7.24 8.95
C HIS A 328 14.00 -7.48 8.91
N ASP A 329 14.76 -6.48 8.49
CA ASP A 329 16.22 -6.62 8.42
C ASP A 329 16.81 -6.81 9.81
N THR A 330 17.44 -7.96 10.06
CA THR A 330 18.02 -8.21 11.38
C THR A 330 19.32 -7.43 11.59
N GLY A 331 19.88 -6.84 10.54
CA GLY A 331 20.94 -5.88 10.74
C GLY A 331 20.48 -4.59 11.41
N LYS A 332 19.17 -4.33 11.43
CA LYS A 332 18.58 -3.14 12.03
C LYS A 332 17.82 -3.42 13.30
N TYR A 333 17.12 -4.55 13.35
CA TYR A 333 16.13 -4.78 14.38
C TYR A 333 16.46 -6.08 15.10
N GLU A 334 16.10 -6.11 16.38
CA GLU A 334 16.09 -7.34 17.17
C GLU A 334 14.73 -8.01 17.00
N ALA A 335 14.74 -9.30 16.69
CA ALA A 335 13.54 -10.12 16.54
C ALA A 335 12.46 -9.38 15.74
N PRO A 336 12.69 -9.11 14.45
CA PRO A 336 11.73 -8.29 13.71
C PRO A 336 10.40 -8.98 13.47
N SER A 337 10.36 -10.31 13.47
CA SER A 337 9.08 -10.96 13.21
C SER A 337 8.14 -10.87 14.40
N GLN A 338 8.54 -10.24 15.49
CA GLN A 338 7.69 -10.07 16.66
C GLN A 338 7.24 -8.62 16.73
N TYR A 339 5.94 -8.42 16.87
CA TYR A 339 5.41 -7.07 17.09
C TYR A 339 5.85 -6.60 18.47
N ASP A 340 6.40 -5.38 18.55
CA ASP A 340 6.82 -4.84 19.85
C ASP A 340 6.67 -3.33 19.80
N LEU A 341 5.62 -2.85 20.46
CA LEU A 341 5.34 -1.43 20.51
C LEU A 341 6.50 -0.62 21.09
N HIS A 342 7.28 -1.22 21.99
CA HIS A 342 8.30 -0.51 22.72
C HIS A 342 9.68 -0.59 22.08
N ARG A 343 9.73 -1.13 20.87
CA ARG A 343 10.89 -0.99 20.01
C ARG A 343 11.31 0.49 19.89
N PRO A 344 12.60 0.79 19.87
CA PRO A 344 13.04 2.20 19.61
C PRO A 344 12.49 2.72 18.30
N PRO A 345 12.09 4.00 18.25
CA PRO A 345 11.46 4.53 17.02
C PRO A 345 12.41 4.70 15.84
N LEU A 346 12.97 3.59 15.35
CA LEU A 346 13.94 3.62 14.25
C LEU A 346 13.28 3.98 12.92
N PRO A 347 14.07 4.43 11.94
CA PRO A 347 13.51 4.61 10.60
C PRO A 347 12.99 3.29 10.05
N HIS A 348 11.95 3.36 9.23
CA HIS A 348 11.50 2.19 8.49
C HIS A 348 11.21 2.58 7.05
N LEU A 349 10.95 1.58 6.22
CA LEU A 349 10.78 1.78 4.79
C LEU A 349 9.35 1.51 4.31
N ALA A 350 8.38 1.44 5.23
CA ALA A 350 7.00 1.13 4.81
C ALA A 350 6.41 2.21 3.91
N PHE A 351 6.99 3.40 3.89
CA PHE A 351 6.55 4.45 2.98
C PHE A 351 7.54 4.68 1.86
N GLY A 352 8.53 3.81 1.71
CA GLY A 352 9.47 4.00 0.61
C GLY A 352 10.50 5.07 0.95
N ALA A 353 11.14 5.58 -0.09
CA ALA A 353 12.25 6.49 0.13
C ALA A 353 12.53 7.21 -1.17
N GLY A 354 13.16 8.38 -1.04
CA GLY A 354 13.63 9.10 -2.22
C GLY A 354 12.54 9.93 -2.88
N ASN A 355 12.75 10.17 -4.18
CA ASN A 355 11.87 11.08 -4.91
C ASN A 355 10.47 10.50 -5.10
N HIS A 356 10.35 9.18 -5.09
CA HIS A 356 9.07 8.52 -5.28
C HIS A 356 8.49 8.02 -3.98
N ALA A 357 9.02 8.49 -2.84
CA ALA A 357 8.47 8.11 -1.56
C ALA A 357 7.00 8.48 -1.51
N CYS A 358 6.25 7.72 -0.71
CA CYS A 358 4.82 7.92 -0.57
C CYS A 358 4.48 9.39 -0.38
N ALA A 359 3.47 9.86 -1.12
CA ALA A 359 3.01 11.24 -1.05
C ALA A 359 1.93 11.44 0.00
N GLY A 360 1.30 10.36 0.47
CA GLY A 360 0.20 10.49 1.41
C GLY A 360 0.49 10.07 2.83
N ILE A 361 1.76 10.13 3.27
CA ILE A 361 2.12 9.61 4.60
C ILE A 361 1.29 10.26 5.68
N TYR A 362 1.25 11.60 5.69
CA TYR A 362 0.63 12.33 6.79
C TYR A 362 -0.87 12.07 6.84
N PHE A 363 -1.53 12.09 5.69
CA PHE A 363 -2.92 11.68 5.59
C PHE A 363 -3.13 10.26 6.09
N ALA A 364 -2.37 9.30 5.56
CA ALA A 364 -2.58 7.90 5.90
C ALA A 364 -2.44 7.66 7.41
N ASN A 365 -1.39 8.21 8.03
CA ASN A 365 -1.16 8.02 9.46
C ASN A 365 -2.34 8.54 10.29
N HIS A 366 -2.96 9.65 9.86
CA HIS A 366 -4.11 10.18 10.57
C HIS A 366 -5.36 9.33 10.36
N VAL A 367 -5.58 8.86 9.13
CA VAL A 367 -6.71 7.97 8.89
C VAL A 367 -6.62 6.77 9.81
N MET A 368 -5.43 6.18 9.90
CA MET A 368 -5.24 5.01 10.74
C MET A 368 -5.37 5.36 12.22
N ARG A 369 -4.80 6.49 12.64
CA ARG A 369 -4.88 6.87 14.05
C ARG A 369 -6.33 7.08 14.48
N ILE A 370 -7.08 7.86 13.70
CA ILE A 370 -8.45 8.18 14.09
C ILE A 370 -9.30 6.91 14.14
N ALA A 371 -9.16 6.03 13.14
CA ALA A 371 -9.97 4.81 13.13
C ALA A 371 -9.65 3.94 14.34
N LEU A 372 -8.37 3.84 14.72
CA LEU A 372 -8.07 3.06 15.91
C LEU A 372 -8.54 3.77 17.18
N GLU A 373 -8.49 5.11 17.20
CA GLU A 373 -9.00 5.84 18.36
C GLU A 373 -10.47 5.54 18.59
N GLU A 374 -11.30 5.70 17.55
CA GLU A 374 -12.73 5.48 17.71
C GLU A 374 -13.02 4.02 18.04
N LEU A 375 -12.25 3.10 17.45
CA LEU A 375 -12.47 1.68 17.71
C LEU A 375 -12.22 1.34 19.17
N PHE A 376 -11.12 1.83 19.74
CA PHE A 376 -10.80 1.49 21.12
C PHE A 376 -11.73 2.19 22.11
N GLU A 377 -12.27 3.36 21.76
CA GLU A 377 -13.20 3.98 22.69
C GLU A 377 -14.58 3.33 22.64
N ALA A 378 -14.99 2.84 21.47
CA ALA A 378 -16.28 2.17 21.35
C ALA A 378 -16.26 0.79 21.99
N ILE A 379 -15.15 0.07 21.86
CA ILE A 379 -15.04 -1.31 22.33
C ILE A 379 -13.74 -1.51 23.10
N PRO A 380 -13.60 -0.92 24.28
CA PRO A 380 -12.32 -1.03 25.00
C PRO A 380 -11.97 -2.44 25.45
N ASN A 381 -12.95 -3.34 25.51
CA ASN A 381 -12.69 -4.72 25.89
C ASN A 381 -12.54 -5.62 24.66
N LEU A 382 -12.18 -5.04 23.51
CA LEU A 382 -11.97 -5.80 22.29
C LEU A 382 -10.99 -6.95 22.54
N GLU A 383 -11.31 -8.11 21.98
CA GLU A 383 -10.46 -9.28 22.12
C GLU A 383 -10.50 -10.06 20.82
N ARG A 384 -9.37 -10.67 20.47
CA ARG A 384 -9.37 -11.48 19.26
C ARG A 384 -10.09 -12.79 19.52
N ASP A 385 -10.82 -13.26 18.51
CA ASP A 385 -11.52 -14.53 18.60
C ASP A 385 -10.50 -15.64 18.36
N THR A 386 -10.01 -16.24 19.45
CA THR A 386 -8.99 -17.28 19.38
C THR A 386 -9.44 -18.53 18.63
N ARG A 387 -10.73 -18.70 18.38
CA ARG A 387 -11.18 -19.84 17.60
C ARG A 387 -11.01 -19.64 16.10
N GLU A 388 -10.67 -18.43 15.66
CA GLU A 388 -10.39 -18.13 14.27
C GLU A 388 -8.88 -17.90 14.10
N GLY A 389 -8.34 -18.34 12.96
CA GLY A 389 -6.96 -18.02 12.63
C GLY A 389 -6.88 -16.73 11.83
N VAL A 390 -5.74 -16.07 11.89
CA VAL A 390 -5.50 -14.87 11.11
C VAL A 390 -4.52 -15.23 10.00
N GLU A 391 -5.00 -15.15 8.77
CA GLU A 391 -4.22 -15.43 7.57
C GLU A 391 -3.78 -14.11 6.97
N PHE A 392 -2.47 -13.93 6.80
CA PHE A 392 -1.95 -12.84 6.00
C PHE A 392 -1.73 -13.34 4.59
N TRP A 393 -2.06 -12.49 3.62
CA TRP A 393 -1.89 -12.88 2.23
C TRP A 393 -1.32 -11.71 1.45
N GLY A 394 -0.49 -12.03 0.48
CA GLY A 394 0.04 -11.06 -0.44
C GLY A 394 1.54 -10.95 -0.42
N TRP A 395 2.10 -10.83 -1.62
CA TRP A 395 3.51 -10.52 -1.79
C TRP A 395 3.71 -9.06 -2.18
N GLY A 396 2.92 -8.55 -3.12
CA GLY A 396 3.06 -7.17 -3.53
C GLY A 396 2.44 -6.23 -2.51
N PHE A 397 1.20 -6.53 -2.14
CA PHE A 397 0.49 -5.87 -1.06
C PHE A 397 0.10 -6.95 -0.06
N ARG A 398 0.38 -6.71 1.21
CA ARG A 398 0.18 -7.75 2.21
C ARG A 398 -0.65 -7.21 3.36
N GLY A 399 -1.57 -8.04 3.84
CA GLY A 399 -2.34 -7.76 5.02
C GLY A 399 -3.13 -8.97 5.46
N PRO A 400 -3.86 -8.86 6.57
CA PRO A 400 -4.70 -9.97 7.03
C PRO A 400 -5.97 -10.08 6.21
N THR A 401 -6.33 -11.32 5.84
CA THR A 401 -7.52 -11.51 5.00
C THR A 401 -8.81 -11.31 5.79
N SER A 402 -8.76 -11.50 7.11
CA SER A 402 -9.89 -11.23 8.00
C SER A 402 -9.35 -11.07 9.41
N LEU A 403 -10.17 -10.52 10.29
CA LEU A 403 -9.77 -10.32 11.68
C LEU A 403 -11.02 -10.42 12.57
N HIS A 404 -11.32 -11.65 13.00
CA HIS A 404 -12.48 -11.88 13.84
C HIS A 404 -12.17 -11.49 15.28
N VAL A 405 -13.08 -10.73 15.89
CA VAL A 405 -12.91 -10.27 17.26
C VAL A 405 -14.20 -10.49 18.02
N THR A 406 -14.09 -10.54 19.35
CA THR A 406 -15.25 -10.63 20.21
C THR A 406 -15.08 -9.67 21.37
N TRP A 407 -16.20 -9.35 22.00
CA TRP A 407 -16.16 -8.59 23.23
C TRP A 407 -17.43 -8.88 24.01
N GLU A 408 -17.30 -8.83 25.33
CA GLU A 408 -18.44 -9.02 26.22
C GLU A 408 -19.42 -7.86 26.05
N VAL A 409 -20.66 -8.18 25.69
CA VAL A 409 -21.70 -7.17 25.51
C VAL A 409 -22.55 -7.08 26.78
N1 EPE B . -13.54 17.67 2.28
C2 EPE B . -12.35 17.68 3.14
C3 EPE B . -11.07 17.84 2.33
N4 EPE B . -11.07 19.03 1.48
C5 EPE B . -12.36 19.52 1.07
C6 EPE B . -13.34 18.35 0.97
C7 EPE B . -9.89 19.29 0.69
C8 EPE B . -10.13 20.38 -0.34
O8 EPE B . -9.57 19.93 -1.56
C9 EPE B . -13.95 16.27 2.10
C10 EPE B . -15.34 16.23 1.48
S EPE B . -16.69 15.81 2.62
O1S EPE B . -16.18 15.27 3.89
O2S EPE B . -17.46 17.04 2.88
O3S EPE B . -17.54 14.83 1.93
CAI V55 C . 2.32 1.64 -5.22
CAG V55 C . 1.42 2.55 -4.68
CAK V55 C . 0.09 2.54 -5.07
CAJ V55 C . -0.36 1.63 -5.99
CAF V55 C . 0.52 0.70 -6.54
OAB V55 C . 4.55 0.90 -4.96
CAE V55 C . 1.87 0.70 -6.15
CAD V55 C . 3.75 1.73 -4.73
CAA V55 C . -0.24 4.36 -3.44
OAH V55 C . -0.83 3.52 -4.48
OAC V55 C . -1.75 1.67 -6.36
FE HEC D . 1.56 5.78 -0.38
CHA HEC D . 3.78 5.58 -3.03
CHB HEC D . 3.21 3.13 1.09
CHC HEC D . -1.14 5.25 1.67
CHD HEC D . -0.22 8.14 -2.08
NA HEC D . 3.20 4.55 -0.89
C1A HEC D . 3.99 4.69 -1.99
C2A HEC D . 5.08 3.73 -1.88
C3A HEC D . 4.93 3.07 -0.74
C4A HEC D . 3.74 3.56 -0.10
CMA HEC D . 5.86 1.96 -0.19
CAA HEC D . 6.23 3.54 -2.90
CBA HEC D . 7.39 4.48 -2.55
CGA HEC D . 8.66 4.13 -3.28
O1A HEC D . 8.61 3.63 -4.44
O2A HEC D . 9.75 4.35 -2.70
NB HEC D . 1.09 4.38 1.03
C1B HEC D . 1.99 3.50 1.60
C2B HEC D . 1.43 3.03 2.86
C3B HEC D . 0.23 3.62 3.01
C4B HEC D . 0.00 4.48 1.87
CMB HEC D . 2.18 2.03 3.77
CAB HEC D . -0.81 3.50 4.16
CBB HEC D . -0.53 3.04 5.38
NC HEC D . -0.35 6.53 -0.25
C1C HEC D . -1.28 6.22 0.72
C2C HEC D . -2.41 7.12 0.58
C3C HEC D . -2.16 7.93 -0.47
C4C HEC D . -0.85 7.57 -1.00
CMC HEC D . -3.65 7.09 1.50
CAC HEC D . -3.02 9.09 -1.06
CBC HEC D . -3.92 9.78 -0.35
ND HEC D . 1.73 6.67 -2.22
C1D HEC D . 0.92 7.67 -2.70
C2D HEC D . 1.46 8.15 -3.96
C3D HEC D . 2.55 7.45 -4.22
C4D HEC D . 2.76 6.49 -3.14
CMD HEC D . 0.89 9.25 -4.85
CAD HEC D . 3.43 7.64 -5.48
CBD HEC D . 4.58 8.57 -5.13
CGD HEC D . 5.46 8.74 -6.34
O1D HEC D . 5.71 7.72 -7.05
O2D HEC D . 5.91 9.89 -6.56
#